data_6J2K
#
_entry.id   6J2K
#
_cell.length_a   45.160
_cell.length_b   105.540
_cell.length_c   47.590
_cell.angle_alpha   90.00
_cell.angle_beta   101.09
_cell.angle_gamma   90.00
#
_symmetry.space_group_name_H-M   'P 1 21 1'
#
loop_
_entity.id
_entity.type
_entity.pdbx_description
1 polymer Beta-lactamase
2 non-polymer (2E)-3-[(4-hydroxy-2-oxobutyl)amino]prop-2-enal
3 water water
#
_entity_poly.entity_id   1
_entity_poly.type   'polypeptide(L)'
_entity_poly.pdbx_seq_one_letter_code
;HHHHHHSSGLVPRGSHMASGGTELQTADVQQKLAELERQSGGRLGVALINTADNSQILYRADERFPMCSTSKVMAAAAVL
KQSETQKQLLNQPVEIKPADLVNYNPIAEKHVNGTMTLAELSAAALQYTDNTAMNKLIAQLGGPGGVTAFARAIGDETFR
LDRTEPTLNTAIPGDPRDTTTPRAMAQTLRQLTLGHALGETQRAQLVTWLKGNTTGAASIRAGLPASWVVGDKTGSGGYG
TTNDIAVIWPKDRAPLILVTYFTQPQPKAESRRDVLASAAKIVTDGL
;
_entity_poly.pdbx_strand_id   A,B
#
loop_
_chem_comp.id
_chem_comp.type
_chem_comp.name
_chem_comp.formula
ISS non-polymer (2E)-3-[(4-hydroxy-2-oxobutyl)amino]prop-2-enal 'C7 H11 N O3'
#
# COMPACT_ATOMS: atom_id res chain seq x y z
N ALA A 27 -29.24 -10.49 -6.91
CA ALA A 27 -28.17 -9.59 -7.45
C ALA A 27 -27.39 -10.31 -8.56
N ASP A 28 -27.84 -10.20 -9.82
CA ASP A 28 -27.19 -10.87 -10.98
C ASP A 28 -25.84 -10.19 -11.28
N VAL A 29 -24.77 -10.93 -11.05
CA VAL A 29 -23.38 -10.38 -11.11
C VAL A 29 -23.06 -9.93 -12.55
N GLN A 30 -23.48 -10.70 -13.55
CA GLN A 30 -23.19 -10.38 -14.96
C GLN A 30 -23.86 -9.06 -15.35
N GLN A 31 -25.12 -8.87 -14.99
CA GLN A 31 -25.85 -7.60 -15.23
C GLN A 31 -25.11 -6.45 -14.54
N LYS A 32 -24.74 -6.64 -13.27
CA LYS A 32 -24.08 -5.57 -12.48
C LYS A 32 -22.73 -5.17 -13.10
N LEU A 33 -21.91 -6.13 -13.53
CA LEU A 33 -20.63 -5.82 -14.19
C LEU A 33 -20.88 -5.09 -15.50
N ALA A 34 -21.96 -5.43 -16.24
CA ALA A 34 -22.26 -4.71 -17.49
C ALA A 34 -22.71 -3.29 -17.20
N GLU A 35 -23.52 -3.11 -16.14
CA GLU A 35 -23.95 -1.75 -15.75
C GLU A 35 -22.74 -0.92 -15.32
N LEU A 36 -21.78 -1.54 -14.61
CA LEU A 36 -20.55 -0.80 -14.23
C LEU A 36 -19.80 -0.42 -15.49
N GLU A 37 -19.57 -1.42 -16.36
CA GLU A 37 -18.79 -1.10 -17.56
C GLU A 37 -19.46 0.02 -18.36
N ARG A 38 -20.77 -0.08 -18.53
CA ARG A 38 -21.47 0.90 -19.41
C ARG A 38 -21.31 2.32 -18.87
N GLN A 39 -21.20 2.53 -17.56
CA GLN A 39 -21.01 3.89 -17.00
C GLN A 39 -19.54 4.28 -16.85
N SER A 40 -18.64 3.40 -17.23
CA SER A 40 -17.19 3.54 -16.86
C SER A 40 -16.37 4.35 -17.85
N GLY A 41 -16.82 4.47 -19.07
CA GLY A 41 -16.05 5.09 -20.18
C GLY A 41 -14.92 4.17 -20.63
N GLY A 42 -15.00 2.86 -20.37
CA GLY A 42 -13.99 1.95 -20.89
C GLY A 42 -14.45 0.52 -21.01
N ARG A 43 -13.47 -0.37 -21.06
CA ARG A 43 -13.63 -1.82 -21.27
C ARG A 43 -13.08 -2.54 -20.03
N LEU A 44 -13.91 -3.34 -19.41
CA LEU A 44 -13.61 -4.04 -18.14
C LEU A 44 -13.48 -5.53 -18.39
N GLY A 45 -12.46 -6.14 -17.80
CA GLY A 45 -12.19 -7.57 -17.82
C GLY A 45 -12.05 -8.12 -16.41
N VAL A 46 -12.81 -9.15 -16.05
CA VAL A 46 -12.80 -9.70 -14.67
C VAL A 46 -12.65 -11.19 -14.72
N ALA A 47 -11.82 -11.78 -13.88
CA ALA A 47 -11.85 -13.22 -13.60
C ALA A 47 -11.65 -13.40 -12.12
N LEU A 48 -12.63 -14.03 -11.48
CA LEU A 48 -12.57 -14.42 -10.06
C LEU A 48 -12.52 -15.95 -9.98
N ILE A 49 -11.60 -16.49 -9.21
CA ILE A 49 -11.59 -17.92 -8.87
C ILE A 49 -11.78 -17.98 -7.38
N ASN A 50 -12.83 -18.67 -6.95
CA ASN A 50 -13.12 -18.89 -5.51
C ASN A 50 -12.54 -20.25 -5.17
N THR A 51 -11.47 -20.36 -4.41
CA THR A 51 -10.86 -21.68 -4.17
C THR A 51 -11.69 -22.48 -3.16
N ALA A 52 -12.73 -21.93 -2.57
CA ALA A 52 -13.57 -22.77 -1.68
C ALA A 52 -14.16 -23.89 -2.53
N ASP A 53 -14.56 -23.59 -3.78
CA ASP A 53 -15.33 -24.54 -4.64
C ASP A 53 -14.93 -24.47 -6.10
N ASN A 54 -13.83 -23.78 -6.40
CA ASN A 54 -13.22 -23.68 -7.75
C ASN A 54 -14.25 -23.03 -8.68
N SER A 55 -15.25 -22.33 -8.19
CA SER A 55 -16.20 -21.53 -8.99
C SER A 55 -15.44 -20.35 -9.60
N GLN A 56 -15.96 -19.87 -10.70
CA GLN A 56 -15.36 -18.73 -11.42
C GLN A 56 -16.44 -17.73 -11.82
N ILE A 57 -16.11 -16.47 -11.70
CA ILE A 57 -16.98 -15.39 -12.25
C ILE A 57 -16.14 -14.75 -13.34
N LEU A 58 -16.63 -14.67 -14.62
CA LEU A 58 -15.86 -14.26 -15.81
C LEU A 58 -16.62 -13.13 -16.49
N TYR A 59 -15.94 -12.08 -16.91
CA TYR A 59 -16.50 -10.99 -17.70
C TYR A 59 -15.41 -10.52 -18.65
N ARG A 60 -15.61 -10.75 -19.94
CA ARG A 60 -14.59 -10.47 -20.99
C ARG A 60 -13.31 -11.22 -20.64
N ALA A 61 -13.45 -12.37 -20.04
CA ALA A 61 -12.28 -13.08 -19.48
C ALA A 61 -11.41 -13.70 -20.56
N ASP A 62 -11.89 -13.83 -21.78
CA ASP A 62 -11.07 -14.36 -22.90
C ASP A 62 -10.64 -13.25 -23.84
N GLU A 63 -10.95 -11.98 -23.55
CA GLU A 63 -10.41 -10.84 -24.33
C GLU A 63 -9.02 -10.51 -23.81
N ARG A 64 -8.18 -9.99 -24.71
CA ARG A 64 -6.80 -9.57 -24.36
C ARG A 64 -6.77 -8.10 -23.91
N PHE A 65 -6.09 -7.83 -22.78
CA PHE A 65 -5.88 -6.54 -22.17
C PHE A 65 -4.40 -6.32 -22.02
N PRO A 66 -3.97 -5.04 -22.09
CA PRO A 66 -2.60 -4.74 -21.75
C PRO A 66 -2.32 -4.98 -20.27
N MET A 67 -1.28 -5.73 -19.94
CA MET A 67 -0.97 -6.10 -18.55
C MET A 67 -0.40 -4.94 -17.76
N CYS A 68 0.38 -4.12 -18.43
CA CYS A 68 1.19 -3.07 -17.82
C CYS A 68 1.95 -3.70 -16.67
N SER A 69 2.01 -3.06 -15.51
CA SER A 69 2.90 -3.53 -14.43
C SER A 69 2.45 -4.84 -13.79
N THR A 70 1.26 -5.35 -14.11
CA THR A 70 0.85 -6.65 -13.55
C THR A 70 1.78 -7.77 -14.11
N SER A 71 2.43 -7.52 -15.22
CA SER A 71 3.42 -8.45 -15.80
C SER A 71 4.58 -8.67 -14.85
N LYS A 72 4.83 -7.77 -13.90
CA LYS A 72 5.98 -7.90 -13.00
C LYS A 72 5.82 -9.15 -12.14
N VAL A 73 4.63 -9.63 -11.88
CA VAL A 73 4.45 -10.89 -11.13
C VAL A 73 5.08 -12.04 -11.91
N MET A 74 4.88 -12.13 -13.22
CA MET A 74 5.46 -13.25 -13.98
C MET A 74 6.97 -13.13 -13.96
N ALA A 75 7.51 -11.93 -14.12
CA ALA A 75 8.98 -11.80 -14.11
C ALA A 75 9.56 -12.19 -12.72
N ALA A 76 9.01 -11.68 -11.63
CA ALA A 76 9.52 -12.01 -10.30
C ALA A 76 9.38 -13.51 -10.07
N ALA A 77 8.29 -14.12 -10.50
CA ALA A 77 8.10 -15.57 -10.31
C ALA A 77 9.14 -16.36 -11.10
N ALA A 78 9.44 -15.91 -12.31
CA ALA A 78 10.43 -16.65 -13.12
C ALA A 78 11.81 -16.58 -12.43
N VAL A 79 12.16 -15.46 -11.82
CA VAL A 79 13.43 -15.35 -11.09
C VAL A 79 13.36 -16.22 -9.85
N LEU A 80 12.26 -16.26 -9.15
CA LEU A 80 12.11 -17.20 -8.01
C LEU A 80 12.32 -18.60 -8.53
N LYS A 81 11.79 -18.96 -9.68
CA LYS A 81 11.99 -20.34 -10.20
C LYS A 81 13.47 -20.56 -10.45
N GLN A 82 14.14 -19.58 -11.04
CA GLN A 82 15.62 -19.70 -11.24
C GLN A 82 16.29 -19.99 -9.89
N SER A 83 15.88 -19.31 -8.83
CA SER A 83 16.50 -19.42 -7.50
C SER A 83 16.31 -20.81 -6.89
N GLU A 84 15.49 -21.68 -7.44
CA GLU A 84 15.36 -23.06 -6.92
C GLU A 84 16.60 -23.86 -7.33
N THR A 85 17.32 -23.45 -8.39
CA THR A 85 18.48 -24.24 -8.88
C THR A 85 19.78 -23.46 -8.75
N GLN A 86 19.76 -22.14 -8.71
CA GLN A 86 20.98 -21.33 -8.50
C GLN A 86 20.89 -20.87 -7.07
N LYS A 87 21.71 -21.56 -6.26
CA LYS A 87 21.67 -21.53 -4.77
C LYS A 87 21.55 -20.08 -4.28
N GLN A 88 22.46 -19.22 -4.69
CA GLN A 88 22.44 -17.89 -4.02
C GLN A 88 21.87 -16.78 -4.88
N LEU A 89 20.93 -17.10 -5.77
CA LEU A 89 20.59 -16.15 -6.84
C LEU A 89 20.05 -14.85 -6.25
N LEU A 90 19.11 -14.90 -5.31
CA LEU A 90 18.43 -13.66 -4.83
C LEU A 90 19.41 -12.73 -4.11
N ASN A 91 20.57 -13.25 -3.70
CA ASN A 91 21.65 -12.42 -3.09
C ASN A 91 22.56 -11.76 -4.14
N GLN A 92 22.44 -12.13 -5.41
CA GLN A 92 23.40 -11.72 -6.43
C GLN A 92 23.23 -10.22 -6.67
N PRO A 93 24.27 -9.39 -6.52
CA PRO A 93 24.19 -7.97 -6.81
C PRO A 93 24.14 -7.72 -8.31
N VAL A 94 23.38 -6.73 -8.75
CA VAL A 94 23.21 -6.33 -10.16
C VAL A 94 23.53 -4.84 -10.24
N GLU A 95 24.38 -4.43 -11.16
CA GLU A 95 24.76 -3.01 -11.29
C GLU A 95 23.61 -2.19 -11.82
N ILE A 96 23.45 -1.02 -11.28
CA ILE A 96 22.49 -0.01 -11.75
C ILE A 96 23.31 1.16 -12.25
N LYS A 97 23.16 1.53 -13.50
CA LYS A 97 23.91 2.65 -14.11
C LYS A 97 22.93 3.76 -14.44
N PRO A 98 23.40 5.03 -14.57
CA PRO A 98 22.50 6.13 -14.92
C PRO A 98 21.66 5.86 -16.17
N ALA A 99 22.24 5.25 -17.21
CA ALA A 99 21.53 4.96 -18.48
C ALA A 99 20.44 3.91 -18.27
N ASP A 100 20.42 3.20 -17.14
CA ASP A 100 19.37 2.16 -16.86
C ASP A 100 18.10 2.82 -16.37
N LEU A 101 18.16 4.01 -15.79
CA LEU A 101 16.94 4.62 -15.24
C LEU A 101 15.94 4.86 -16.35
N VAL A 102 14.69 4.53 -16.07
CA VAL A 102 13.60 4.83 -17.03
C VAL A 102 12.65 5.88 -16.42
N ASN A 103 11.36 5.65 -16.42
CA ASN A 103 10.38 6.73 -16.15
C ASN A 103 9.90 6.73 -14.71
N TYR A 104 10.14 5.67 -13.94
CA TYR A 104 9.61 5.56 -12.55
C TYR A 104 10.52 4.60 -11.82
N ASN A 105 11.38 5.15 -10.98
CA ASN A 105 12.56 4.45 -10.44
C ASN A 105 12.70 4.78 -8.96
N PRO A 106 11.63 4.70 -8.17
CA PRO A 106 11.68 5.21 -6.80
C PRO A 106 12.71 4.49 -5.95
N ILE A 107 13.06 3.24 -6.25
CA ILE A 107 14.07 2.50 -5.47
C ILE A 107 15.38 2.57 -6.25
N ALA A 108 15.37 2.25 -7.54
CA ALA A 108 16.64 2.09 -8.29
C ALA A 108 17.41 3.41 -8.32
N GLU A 109 16.75 4.57 -8.27
CA GLU A 109 17.51 5.84 -8.39
C GLU A 109 18.43 5.99 -7.16
N LYS A 110 18.15 5.35 -6.04
CA LYS A 110 19.01 5.42 -4.81
C LYS A 110 20.31 4.67 -5.03
N HIS A 111 20.34 3.77 -6.02
CA HIS A 111 21.47 2.81 -6.17
C HIS A 111 22.20 2.99 -7.49
N VAL A 112 21.96 4.09 -8.14
CA VAL A 112 22.67 4.41 -9.40
C VAL A 112 24.19 4.53 -9.16
N ASN A 113 24.97 3.96 -10.04
CA ASN A 113 26.44 3.74 -9.89
C ASN A 113 26.72 2.81 -8.71
N GLY A 114 25.75 2.03 -8.33
CA GLY A 114 25.84 1.00 -7.28
C GLY A 114 25.12 -0.25 -7.72
N THR A 115 24.61 -1.00 -6.77
CA THR A 115 24.03 -2.35 -7.00
C THR A 115 22.75 -2.51 -6.19
N MET A 116 21.90 -3.40 -6.72
CA MET A 116 20.79 -3.98 -5.98
C MET A 116 20.86 -5.48 -6.17
N THR A 117 20.46 -6.20 -5.14
CA THR A 117 20.37 -7.66 -5.26
C THR A 117 19.11 -8.06 -6.03
N LEU A 118 19.12 -9.27 -6.57
CA LEU A 118 17.90 -9.76 -7.25
C LEU A 118 16.73 -9.83 -6.26
N ALA A 119 16.93 -10.09 -4.97
CA ALA A 119 15.79 -10.00 -4.02
C ALA A 119 15.28 -8.55 -3.97
N GLU A 120 16.19 -7.58 -3.89
CA GLU A 120 15.79 -6.17 -3.76
C GLU A 120 15.09 -5.72 -5.06
N LEU A 121 15.57 -6.15 -6.22
CA LEU A 121 14.93 -5.80 -7.52
C LEU A 121 13.53 -6.45 -7.62
N SER A 122 13.36 -7.68 -7.12
CA SER A 122 12.05 -8.35 -7.11
C SER A 122 11.08 -7.56 -6.23
N ALA A 123 11.51 -7.20 -5.03
CA ALA A 123 10.67 -6.45 -4.09
C ALA A 123 10.38 -5.06 -4.62
N ALA A 124 11.36 -4.43 -5.25
CA ALA A 124 11.15 -3.07 -5.78
C ALA A 124 10.15 -3.15 -6.90
N ALA A 125 10.28 -4.11 -7.82
CA ALA A 125 9.34 -4.24 -8.94
C ALA A 125 7.94 -4.54 -8.37
N LEU A 126 7.78 -5.49 -7.44
CA LEU A 126 6.43 -5.91 -7.02
C LEU A 126 5.82 -4.89 -6.10
N GLN A 127 6.56 -4.38 -5.12
CA GLN A 127 5.94 -3.63 -4.00
C GLN A 127 5.92 -2.15 -4.27
N TYR A 128 6.89 -1.65 -5.03
CA TYR A 128 7.08 -0.21 -5.34
C TYR A 128 6.86 0.09 -6.81
N THR A 129 6.53 -0.93 -7.58
CA THR A 129 6.34 -0.86 -9.04
C THR A 129 7.47 -0.08 -9.73
N ASP A 130 8.71 -0.37 -9.32
CA ASP A 130 9.89 0.28 -9.92
C ASP A 130 10.14 -0.32 -11.31
N ASN A 131 10.21 0.55 -12.31
CA ASN A 131 10.29 0.10 -13.73
C ASN A 131 11.73 -0.29 -14.08
N THR A 132 12.70 0.37 -13.45
CA THR A 132 14.12 -0.01 -13.68
C THR A 132 14.30 -1.41 -13.09
N ALA A 133 13.73 -1.67 -11.92
CA ALA A 133 13.88 -2.99 -11.28
C ALA A 133 13.28 -4.07 -12.21
N MET A 134 12.13 -3.83 -12.79
CA MET A 134 11.53 -4.81 -13.71
C MET A 134 12.51 -5.04 -14.89
N ASN A 135 13.13 -4.00 -15.47
CA ASN A 135 14.05 -4.23 -16.60
C ASN A 135 15.18 -5.14 -16.14
N LYS A 136 15.69 -4.99 -14.94
CA LYS A 136 16.76 -5.93 -14.49
C LYS A 136 16.23 -7.36 -14.36
N LEU A 137 14.98 -7.57 -13.90
CA LEU A 137 14.39 -8.92 -13.88
C LEU A 137 14.30 -9.46 -15.32
N ILE A 138 13.81 -8.63 -16.25
CA ILE A 138 13.68 -9.08 -17.66
C ILE A 138 15.07 -9.48 -18.17
N ALA A 139 16.09 -8.65 -17.92
CA ALA A 139 17.43 -8.97 -18.46
C ALA A 139 17.96 -10.27 -17.82
N GLN A 140 17.69 -10.54 -16.56
CA GLN A 140 18.08 -11.77 -15.84
C GLN A 140 17.40 -13.00 -16.47
N LEU A 141 16.27 -12.83 -17.13
CA LEU A 141 15.53 -13.91 -17.80
C LEU A 141 15.88 -14.03 -19.28
N GLY A 142 16.75 -13.15 -19.79
CA GLY A 142 17.14 -13.22 -21.22
C GLY A 142 16.26 -12.37 -22.12
N GLY A 143 15.54 -11.39 -21.57
CA GLY A 143 14.70 -10.52 -22.39
C GLY A 143 13.24 -10.87 -22.18
N PRO A 144 12.35 -10.07 -22.78
CA PRO A 144 10.90 -10.28 -22.65
C PRO A 144 10.46 -11.71 -22.96
N GLY A 145 11.05 -12.28 -23.99
CA GLY A 145 10.75 -13.66 -24.38
C GLY A 145 11.09 -14.67 -23.31
N GLY A 146 12.08 -14.39 -22.45
CA GLY A 146 12.32 -15.32 -21.33
C GLY A 146 11.22 -15.28 -20.31
N VAL A 147 10.54 -14.15 -20.15
CA VAL A 147 9.36 -14.11 -19.24
C VAL A 147 8.21 -14.92 -19.86
N THR A 148 7.99 -14.77 -21.17
CA THR A 148 7.00 -15.55 -21.90
C THR A 148 7.33 -17.04 -21.78
N ALA A 149 8.58 -17.39 -21.93
CA ALA A 149 8.97 -18.81 -21.87
C ALA A 149 8.60 -19.41 -20.51
N PHE A 150 8.82 -18.66 -19.41
CA PHE A 150 8.44 -19.18 -18.08
C PHE A 150 6.93 -19.35 -18.01
N ALA A 151 6.18 -18.38 -18.49
CA ALA A 151 4.71 -18.53 -18.55
C ALA A 151 4.32 -19.84 -19.23
N ARG A 152 4.92 -20.13 -20.38
CA ARG A 152 4.62 -21.39 -21.11
C ARG A 152 5.03 -22.59 -20.26
N ALA A 153 6.14 -22.50 -19.56
CA ALA A 153 6.62 -23.63 -18.74
C ALA A 153 5.66 -23.92 -17.61
N ILE A 154 4.85 -22.98 -17.16
CA ILE A 154 3.87 -23.22 -16.05
C ILE A 154 2.45 -23.35 -16.60
N GLY A 155 2.27 -23.56 -17.91
CA GLY A 155 0.97 -23.89 -18.51
C GLY A 155 0.19 -22.69 -18.98
N ASP A 156 0.80 -21.50 -18.98
CA ASP A 156 0.08 -20.30 -19.46
C ASP A 156 0.41 -20.10 -20.95
N GLU A 157 -0.53 -20.37 -21.83
CA GLU A 157 -0.33 -20.27 -23.30
C GLU A 157 -0.76 -18.91 -23.83
N THR A 158 -1.24 -18.03 -22.97
CA THR A 158 -1.88 -16.75 -23.37
C THR A 158 -0.95 -15.55 -23.13
N PHE A 159 -0.31 -15.50 -21.99
CA PHE A 159 0.57 -14.37 -21.62
C PHE A 159 1.57 -14.14 -22.73
N ARG A 160 1.88 -12.89 -23.00
CA ARG A 160 3.05 -12.58 -23.84
C ARG A 160 3.65 -11.27 -23.35
N LEU A 161 4.95 -11.31 -23.13
CA LEU A 161 5.73 -10.10 -22.88
C LEU A 161 6.64 -9.87 -24.09
N ASP A 162 6.57 -8.68 -24.67
CA ASP A 162 7.23 -8.35 -25.95
C ASP A 162 8.25 -7.24 -25.79
N ARG A 163 8.04 -6.34 -24.84
CA ARG A 163 8.98 -5.21 -24.71
C ARG A 163 9.31 -4.96 -23.24
N THR A 164 10.37 -4.18 -23.05
CA THR A 164 10.89 -3.72 -21.75
C THR A 164 10.03 -2.58 -21.22
N GLU A 165 10.42 -2.10 -20.05
CA GLU A 165 9.91 -0.86 -19.50
C GLU A 165 10.63 0.29 -20.16
N PRO A 166 9.96 1.44 -20.42
CA PRO A 166 8.54 1.67 -20.11
C PRO A 166 7.55 1.37 -21.23
N THR A 167 8.07 0.97 -22.40
CA THR A 167 7.17 0.88 -23.58
C THR A 167 6.19 -0.28 -23.46
N LEU A 168 6.40 -1.26 -22.58
CA LEU A 168 5.40 -2.34 -22.38
C LEU A 168 4.10 -1.75 -21.80
N ASN A 169 4.04 -0.49 -21.38
CA ASN A 169 2.80 0.13 -20.83
C ASN A 169 2.10 1.03 -21.85
N THR A 170 2.45 1.00 -23.13
CA THR A 170 1.77 1.90 -24.06
C THR A 170 0.27 1.60 -24.10
N ALA A 171 -0.12 0.33 -24.04
CA ALA A 171 -1.51 -0.10 -23.86
C ALA A 171 -2.40 0.40 -25.02
N ILE A 172 -1.87 0.41 -26.23
CA ILE A 172 -2.64 0.89 -27.41
C ILE A 172 -3.76 -0.09 -27.64
N PRO A 173 -5.01 0.38 -27.86
CA PRO A 173 -6.08 -0.57 -28.15
C PRO A 173 -5.79 -1.41 -29.39
N GLY A 174 -6.04 -2.69 -29.26
CA GLY A 174 -5.88 -3.61 -30.40
C GLY A 174 -4.46 -4.19 -30.45
N ASP A 175 -3.48 -3.62 -29.76
CA ASP A 175 -2.09 -4.10 -29.83
C ASP A 175 -1.98 -5.38 -29.00
N PRO A 176 -1.51 -6.50 -29.58
CA PRO A 176 -1.36 -7.73 -28.84
C PRO A 176 -0.10 -7.76 -27.97
N ARG A 177 0.81 -6.83 -28.18
CA ARG A 177 2.06 -6.85 -27.39
C ARG A 177 1.73 -6.69 -25.90
N ASP A 178 2.37 -7.49 -25.07
CA ASP A 178 2.36 -7.23 -23.61
C ASP A 178 0.93 -7.38 -23.08
N THR A 179 0.23 -8.40 -23.56
CA THR A 179 -1.17 -8.66 -23.15
C THR A 179 -1.33 -10.04 -22.57
N THR A 180 -2.43 -10.21 -21.85
CA THR A 180 -2.97 -11.52 -21.53
C THR A 180 -4.49 -11.41 -21.41
N THR A 181 -5.14 -12.49 -21.02
CA THR A 181 -6.58 -12.45 -20.75
C THR A 181 -6.80 -12.57 -19.25
N PRO A 182 -7.95 -12.06 -18.74
CA PRO A 182 -8.25 -12.25 -17.31
C PRO A 182 -8.24 -13.72 -16.87
N ARG A 183 -8.85 -14.59 -17.68
CA ARG A 183 -8.92 -16.02 -17.34
C ARG A 183 -7.51 -16.56 -17.17
N ALA A 184 -6.65 -16.29 -18.16
CA ALA A 184 -5.30 -16.88 -18.11
C ALA A 184 -4.54 -16.35 -16.91
N MET A 185 -4.63 -15.06 -16.66
CA MET A 185 -3.86 -14.47 -15.56
C MET A 185 -4.37 -14.96 -14.21
N ALA A 186 -5.68 -15.16 -14.06
CA ALA A 186 -6.21 -15.67 -12.79
C ALA A 186 -5.69 -17.11 -12.55
N GLN A 187 -5.76 -17.96 -13.58
CA GLN A 187 -5.30 -19.35 -13.50
C GLN A 187 -3.82 -19.34 -13.11
N THR A 188 -3.02 -18.50 -13.77
CA THR A 188 -1.57 -18.44 -13.49
C THR A 188 -1.31 -17.97 -12.07
N LEU A 189 -1.97 -16.90 -11.66
CA LEU A 189 -1.74 -16.36 -10.31
C LEU A 189 -2.14 -17.42 -9.27
N ARG A 190 -3.20 -18.20 -9.49
CA ARG A 190 -3.57 -19.30 -8.56
C ARG A 190 -2.40 -20.29 -8.50
N GLN A 191 -1.88 -20.70 -9.65
CA GLN A 191 -0.81 -21.74 -9.64
C GLN A 191 0.43 -21.21 -8.94
N LEU A 192 0.76 -19.92 -9.15
CA LEU A 192 2.00 -19.36 -8.56
C LEU A 192 1.89 -19.22 -7.04
N THR A 193 0.73 -18.75 -6.55
CA THR A 193 0.63 -18.33 -5.13
C THR A 193 0.05 -19.44 -4.26
N LEU A 194 -0.81 -20.27 -4.80
CA LEU A 194 -1.52 -21.31 -4.00
C LEU A 194 -1.18 -22.71 -4.48
N GLY A 195 -0.74 -22.86 -5.72
CA GLY A 195 -0.42 -24.17 -6.30
C GLY A 195 1.07 -24.46 -6.25
N HIS A 196 1.50 -25.31 -7.18
CA HIS A 196 2.88 -25.85 -7.13
C HIS A 196 3.74 -25.47 -8.31
N ALA A 197 3.45 -24.34 -8.93
CA ALA A 197 4.33 -23.82 -10.00
C ALA A 197 5.72 -23.48 -9.46
N LEU A 198 5.79 -23.00 -8.24
CA LEU A 198 7.07 -22.73 -7.57
C LEU A 198 7.27 -23.74 -6.43
N GLY A 199 8.52 -23.89 -6.00
CA GLY A 199 8.86 -24.59 -4.75
C GLY A 199 8.21 -23.93 -3.56
N GLU A 200 8.01 -24.63 -2.46
CA GLU A 200 7.24 -24.05 -1.34
C GLU A 200 7.93 -22.78 -0.80
N THR A 201 9.24 -22.71 -0.66
CA THR A 201 9.96 -21.53 -0.13
C THR A 201 9.68 -20.33 -1.07
N GLN A 202 9.73 -20.58 -2.36
CA GLN A 202 9.57 -19.51 -3.39
C GLN A 202 8.10 -19.08 -3.43
N ARG A 203 7.16 -19.99 -3.33
CA ARG A 203 5.73 -19.61 -3.28
C ARG A 203 5.49 -18.70 -2.07
N ALA A 204 6.04 -19.07 -0.92
CA ALA A 204 5.89 -18.26 0.29
C ALA A 204 6.52 -16.89 0.08
N GLN A 205 7.69 -16.81 -0.55
CA GLN A 205 8.34 -15.51 -0.76
C GLN A 205 7.46 -14.67 -1.71
N LEU A 206 6.91 -15.26 -2.76
CA LEU A 206 6.03 -14.51 -3.68
C LEU A 206 4.82 -13.97 -2.90
N VAL A 207 4.17 -14.80 -2.10
CA VAL A 207 2.99 -14.33 -1.32
C VAL A 207 3.43 -13.25 -0.33
N THR A 208 4.56 -13.39 0.34
CA THR A 208 5.04 -12.34 1.24
C THR A 208 5.21 -11.05 0.46
N TRP A 209 5.83 -11.08 -0.69
CA TRP A 209 6.04 -9.86 -1.47
C TRP A 209 4.69 -9.23 -1.87
N LEU A 210 3.74 -10.00 -2.39
CA LEU A 210 2.46 -9.43 -2.83
C LEU A 210 1.73 -8.82 -1.63
N LYS A 211 1.76 -9.52 -0.49
CA LYS A 211 1.08 -8.96 0.71
C LYS A 211 1.74 -7.68 1.19
N GLY A 212 2.98 -7.42 0.83
CA GLY A 212 3.68 -6.22 1.19
C GLY A 212 3.58 -5.11 0.14
N ASN A 213 2.76 -5.31 -0.89
CA ASN A 213 2.55 -4.28 -1.89
C ASN A 213 2.19 -2.94 -1.26
N THR A 214 2.74 -1.86 -1.77
CA THR A 214 2.39 -0.51 -1.29
C THR A 214 1.35 0.20 -2.14
N THR A 215 1.02 -0.31 -3.34
CA THR A 215 0.30 0.51 -4.32
C THR A 215 -1.18 0.10 -4.48
N GLY A 216 -1.70 -0.80 -3.66
CA GLY A 216 -2.97 -1.50 -3.98
C GLY A 216 -4.21 -0.98 -3.29
N ALA A 217 -4.09 -0.15 -2.28
CA ALA A 217 -5.27 0.10 -1.40
C ALA A 217 -6.49 0.72 -2.10
N ALA A 218 -6.30 1.39 -3.23
CA ALA A 218 -7.43 2.05 -3.92
C ALA A 218 -8.05 1.16 -5.00
N SER A 219 -7.47 0.01 -5.25
CA SER A 219 -7.92 -0.87 -6.37
C SER A 219 -8.80 -2.01 -5.84
N ILE A 220 -8.49 -3.26 -6.13
CA ILE A 220 -9.34 -4.37 -5.66
C ILE A 220 -9.63 -4.23 -4.17
N ARG A 221 -8.62 -3.96 -3.37
CA ARG A 221 -8.78 -3.90 -1.90
C ARG A 221 -9.87 -2.91 -1.49
N ALA A 222 -10.02 -1.83 -2.22
CA ALA A 222 -11.00 -0.78 -1.83
C ALA A 222 -12.43 -1.30 -1.99
N GLY A 223 -12.66 -2.40 -2.73
CA GLY A 223 -14.00 -2.96 -2.90
C GLY A 223 -14.31 -4.05 -1.91
N LEU A 224 -13.39 -4.35 -1.02
CA LEU A 224 -13.52 -5.47 -0.07
C LEU A 224 -13.66 -4.97 1.37
N PRO A 225 -14.23 -5.81 2.25
CA PRO A 225 -14.31 -5.43 3.66
C PRO A 225 -12.94 -5.18 4.26
N ALA A 226 -12.90 -4.35 5.31
CA ALA A 226 -11.65 -3.96 6.00
C ALA A 226 -10.94 -5.18 6.61
N SER A 227 -11.68 -6.23 6.98
CA SER A 227 -11.07 -7.38 7.67
C SER A 227 -10.38 -8.34 6.69
N TRP A 228 -10.57 -8.20 5.38
CA TRP A 228 -10.01 -9.15 4.41
C TRP A 228 -8.60 -8.74 4.07
N VAL A 229 -7.73 -9.73 3.91
CA VAL A 229 -6.27 -9.56 3.68
C VAL A 229 -6.01 -9.73 2.18
N VAL A 230 -5.25 -8.83 1.61
CA VAL A 230 -4.96 -8.82 0.15
C VAL A 230 -3.45 -8.81 -0.09
N GLY A 231 -3.01 -9.59 -1.06
CA GLY A 231 -1.73 -9.35 -1.74
C GLY A 231 -2.00 -9.12 -3.19
N ASP A 232 -1.41 -8.11 -3.78
CA ASP A 232 -1.82 -7.74 -5.14
C ASP A 232 -0.67 -7.10 -5.89
N LYS A 233 -0.82 -6.97 -7.18
CA LYS A 233 0.05 -6.14 -8.03
C LYS A 233 -0.85 -5.31 -8.92
N THR A 234 -0.70 -4.01 -8.85
CA THR A 234 -1.40 -3.07 -9.74
C THR A 234 -0.70 -2.92 -11.09
N GLY A 235 -1.38 -2.29 -12.02
CA GLY A 235 -0.74 -1.82 -13.24
C GLY A 235 -1.43 -0.55 -13.72
N SER A 236 -0.70 0.27 -14.42
CA SER A 236 -1.25 1.48 -15.06
C SER A 236 -0.43 1.78 -16.29
N GLY A 237 -1.07 2.37 -17.27
CA GLY A 237 -0.34 2.73 -18.47
C GLY A 237 -1.19 3.63 -19.34
N GLY A 238 -0.80 3.66 -20.68
CA GLY A 238 -1.52 4.56 -21.57
C GLY A 238 -2.96 4.18 -21.70
N TYR A 239 -3.73 5.04 -22.32
CA TYR A 239 -5.16 4.80 -22.59
C TYR A 239 -5.87 4.59 -21.26
N GLY A 240 -5.44 5.25 -20.20
CA GLY A 240 -6.11 5.16 -18.90
C GLY A 240 -6.15 3.75 -18.37
N THR A 241 -5.18 2.90 -18.75
CA THR A 241 -5.25 1.47 -18.40
C THR A 241 -5.04 1.38 -16.90
N THR A 242 -5.87 0.65 -16.21
CA THR A 242 -5.88 0.58 -14.74
C THR A 242 -6.18 -0.86 -14.38
N ASN A 243 -5.20 -1.57 -13.81
CA ASN A 243 -5.27 -3.02 -13.61
C ASN A 243 -4.95 -3.40 -12.17
N ASP A 244 -5.40 -4.57 -11.75
CA ASP A 244 -4.99 -5.17 -10.46
C ASP A 244 -5.15 -6.66 -10.53
N ILE A 245 -4.19 -7.41 -10.01
CA ILE A 245 -4.34 -8.87 -9.87
C ILE A 245 -4.04 -9.20 -8.41
N ALA A 246 -4.89 -9.96 -7.77
CA ALA A 246 -4.87 -10.12 -6.32
C ALA A 246 -5.12 -11.56 -5.89
N VAL A 247 -4.43 -11.96 -4.84
CA VAL A 247 -4.85 -13.07 -3.97
C VAL A 247 -5.46 -12.46 -2.72
N ILE A 248 -6.61 -13.00 -2.38
CA ILE A 248 -7.47 -12.46 -1.31
C ILE A 248 -7.70 -13.58 -0.30
N TRP A 249 -7.49 -13.23 0.96
CA TRP A 249 -7.75 -14.14 2.11
C TRP A 249 -8.91 -13.49 2.84
N PRO A 250 -10.17 -13.81 2.49
CA PRO A 250 -11.33 -13.20 3.13
C PRO A 250 -11.38 -13.71 4.58
N LYS A 251 -11.94 -12.87 5.44
CA LYS A 251 -12.07 -13.28 6.86
C LYS A 251 -12.99 -14.50 6.90
N ASP A 252 -12.45 -15.64 7.36
CA ASP A 252 -13.17 -16.90 7.65
C ASP A 252 -13.56 -17.63 6.36
N ARG A 253 -12.85 -17.37 5.24
CA ARG A 253 -13.12 -18.07 3.96
C ARG A 253 -11.80 -18.47 3.28
N ALA A 254 -11.88 -19.49 2.42
CA ALA A 254 -10.76 -19.95 1.55
C ALA A 254 -10.40 -18.81 0.61
N PRO A 255 -9.14 -18.79 0.17
CA PRO A 255 -8.70 -17.66 -0.64
C PRO A 255 -9.41 -17.57 -2.01
N LEU A 256 -9.39 -16.35 -2.52
CA LEU A 256 -9.88 -15.98 -3.86
C LEU A 256 -8.68 -15.54 -4.68
N ILE A 257 -8.79 -15.71 -6.00
CA ILE A 257 -7.90 -15.03 -6.96
C ILE A 257 -8.78 -14.05 -7.74
N LEU A 258 -8.34 -12.81 -7.93
CA LEU A 258 -9.16 -11.86 -8.68
C LEU A 258 -8.29 -11.03 -9.59
N VAL A 259 -8.65 -11.02 -10.87
CA VAL A 259 -8.01 -10.15 -11.87
C VAL A 259 -9.07 -9.15 -12.30
N THR A 260 -8.74 -7.86 -12.30
CA THR A 260 -9.55 -6.78 -12.83
C THR A 260 -8.70 -5.92 -13.73
N TYR A 261 -9.00 -5.92 -15.02
CA TYR A 261 -8.32 -5.13 -16.05
C TYR A 261 -9.30 -4.11 -16.58
N PHE A 262 -8.80 -2.95 -16.89
CA PHE A 262 -9.63 -1.84 -17.39
C PHE A 262 -8.82 -0.96 -18.32
N THR A 263 -9.39 -0.58 -19.45
CA THR A 263 -8.69 0.29 -20.40
C THR A 263 -9.72 1.17 -21.14
N GLN A 264 -9.27 2.31 -21.61
CA GLN A 264 -10.12 3.42 -22.09
C GLN A 264 -9.74 3.79 -23.51
N PRO A 265 -10.65 4.47 -24.23
CA PRO A 265 -10.43 4.74 -25.65
C PRO A 265 -9.51 5.89 -26.02
N GLN A 266 -9.21 6.81 -25.10
CA GLN A 266 -8.40 8.02 -25.37
C GLN A 266 -7.00 7.80 -24.81
N PRO A 267 -5.92 8.16 -25.55
CA PRO A 267 -4.56 7.91 -25.10
C PRO A 267 -4.19 8.51 -23.74
N LYS A 268 -4.76 9.69 -23.44
CA LYS A 268 -4.48 10.49 -22.22
C LYS A 268 -5.60 10.36 -21.18
N ALA A 269 -6.38 9.27 -21.21
CA ALA A 269 -7.40 9.02 -20.17
C ALA A 269 -6.75 8.92 -18.79
N GLU A 270 -7.50 9.31 -17.76
CA GLU A 270 -7.07 9.25 -16.35
C GLU A 270 -7.30 7.85 -15.79
N SER A 271 -6.51 7.44 -14.81
CA SER A 271 -6.71 6.17 -14.08
C SER A 271 -8.11 6.09 -13.48
N ARG A 272 -8.64 4.88 -13.40
CA ARG A 272 -9.96 4.60 -12.79
C ARG A 272 -9.84 3.43 -11.84
N ARG A 273 -9.11 3.61 -10.75
CA ARG A 273 -8.98 2.57 -9.73
C ARG A 273 -10.34 2.29 -9.09
N ASP A 274 -11.19 3.31 -9.03
CA ASP A 274 -12.56 3.19 -8.48
C ASP A 274 -13.36 2.13 -9.25
N VAL A 275 -13.18 2.03 -10.55
CA VAL A 275 -13.85 0.96 -11.32
C VAL A 275 -13.44 -0.44 -10.86
N LEU A 276 -12.15 -0.59 -10.58
CA LEU A 276 -11.63 -1.90 -10.14
C LEU A 276 -12.21 -2.24 -8.78
N ALA A 277 -12.27 -1.24 -7.88
CA ALA A 277 -12.85 -1.44 -6.53
C ALA A 277 -14.33 -1.86 -6.68
N SER A 278 -15.04 -1.16 -7.57
CA SER A 278 -16.47 -1.48 -7.80
C SER A 278 -16.65 -2.89 -8.33
N ALA A 279 -15.80 -3.33 -9.25
CA ALA A 279 -15.87 -4.66 -9.84
C ALA A 279 -15.62 -5.67 -8.71
N ALA A 280 -14.63 -5.42 -7.85
CA ALA A 280 -14.33 -6.35 -6.75
C ALA A 280 -15.49 -6.48 -5.80
N LYS A 281 -16.14 -5.34 -5.49
CA LYS A 281 -17.32 -5.42 -4.60
C LYS A 281 -18.43 -6.25 -5.25
N ILE A 282 -18.71 -6.03 -6.53
CA ILE A 282 -19.79 -6.77 -7.23
C ILE A 282 -19.51 -8.26 -7.19
N VAL A 283 -18.30 -8.71 -7.47
CA VAL A 283 -18.06 -10.17 -7.59
C VAL A 283 -17.85 -10.80 -6.21
N THR A 284 -17.70 -10.05 -5.14
CA THR A 284 -17.55 -10.66 -3.79
C THR A 284 -18.80 -10.47 -2.94
N ASP A 285 -19.75 -9.63 -3.32
CA ASP A 285 -20.97 -9.38 -2.50
C ASP A 285 -21.71 -10.70 -2.20
N GLY A 286 -21.77 -11.60 -3.18
CA GLY A 286 -22.34 -12.96 -3.01
C GLY A 286 -21.30 -13.94 -2.53
N ALA B 27 -6.17 30.84 0.31
CA ALA B 27 -7.20 31.70 -0.34
C ALA B 27 -8.11 30.81 -1.20
N ASP B 28 -7.60 30.49 -2.39
CA ASP B 28 -8.31 29.52 -3.25
C ASP B 28 -8.16 28.21 -2.52
N VAL B 29 -6.97 28.00 -1.92
CA VAL B 29 -6.77 26.72 -1.19
C VAL B 29 -7.79 26.65 -0.04
N GLN B 30 -8.00 27.75 0.69
CA GLN B 30 -8.99 27.76 1.79
C GLN B 30 -10.40 27.52 1.27
N GLN B 31 -10.77 28.14 0.15
CA GLN B 31 -12.11 27.92 -0.48
C GLN B 31 -12.25 26.45 -0.87
N LYS B 32 -11.22 25.84 -1.47
CA LYS B 32 -11.30 24.44 -1.95
C LYS B 32 -11.45 23.50 -0.77
N LEU B 33 -10.69 23.71 0.33
CA LEU B 33 -10.76 22.84 1.51
C LEU B 33 -12.12 22.99 2.20
N ALA B 34 -12.62 24.22 2.31
CA ALA B 34 -13.94 24.43 2.93
C ALA B 34 -15.05 23.76 2.08
N GLU B 35 -14.89 23.76 0.77
CA GLU B 35 -15.87 23.14 -0.17
C GLU B 35 -15.82 21.61 -0.04
N LEU B 36 -14.61 21.05 0.03
CA LEU B 36 -14.43 19.62 0.22
C LEU B 36 -15.11 19.20 1.53
N GLU B 37 -14.79 19.92 2.61
CA GLU B 37 -15.34 19.64 3.93
C GLU B 37 -16.88 19.70 3.87
N ARG B 38 -17.44 20.77 3.32
CA ARG B 38 -18.92 20.95 3.32
C ARG B 38 -19.56 19.82 2.51
N GLN B 39 -19.03 19.51 1.34
CA GLN B 39 -19.65 18.51 0.45
C GLN B 39 -19.50 17.10 1.07
N SER B 40 -18.48 16.86 1.92
CA SER B 40 -18.20 15.56 2.57
C SER B 40 -19.13 15.32 3.76
N GLY B 41 -19.70 16.37 4.32
CA GLY B 41 -20.60 16.27 5.51
C GLY B 41 -19.85 16.25 6.82
N GLY B 42 -18.51 16.24 6.81
CA GLY B 42 -17.71 16.00 8.02
C GLY B 42 -16.89 17.22 8.42
N ARG B 43 -15.83 16.94 9.17
CA ARG B 43 -14.89 17.93 9.74
C ARG B 43 -13.49 17.47 9.33
N LEU B 44 -12.83 18.36 8.61
CA LEU B 44 -11.53 18.10 7.95
C LEU B 44 -10.45 18.92 8.63
N GLY B 45 -9.32 18.28 8.94
CA GLY B 45 -8.14 18.97 9.50
C GLY B 45 -6.94 18.73 8.61
N VAL B 46 -6.23 19.77 8.23
CA VAL B 46 -5.08 19.65 7.32
C VAL B 46 -3.93 20.46 7.88
N ALA B 47 -2.73 19.91 7.87
CA ALA B 47 -1.50 20.69 8.07
C ALA B 47 -0.45 20.16 7.13
N LEU B 48 0.05 21.07 6.30
CA LEU B 48 1.17 20.81 5.36
C LEU B 48 2.36 21.67 5.80
N ILE B 49 3.51 21.05 5.86
CA ILE B 49 4.81 21.74 6.05
C ILE B 49 5.57 21.49 4.77
N ASN B 50 6.02 22.57 4.13
CA ASN B 50 6.93 22.51 2.96
C ASN B 50 8.32 22.75 3.50
N THR B 51 9.20 21.75 3.51
CA THR B 51 10.55 21.87 4.10
C THR B 51 11.46 22.68 3.16
N ALA B 52 11.03 23.01 1.94
CA ALA B 52 11.86 23.90 1.07
C ALA B 52 12.05 25.23 1.78
N ASP B 53 11.05 25.71 2.49
CA ASP B 53 11.03 27.07 3.07
C ASP B 53 10.27 27.17 4.40
N ASN B 54 9.86 26.04 5.01
CA ASN B 54 9.16 26.02 6.32
C ASN B 54 7.77 26.64 6.21
N SER B 55 7.27 26.85 5.03
CA SER B 55 5.90 27.37 4.82
C SER B 55 4.87 26.28 5.14
N GLN B 56 3.66 26.73 5.44
CA GLN B 56 2.59 25.81 5.84
C GLN B 56 1.25 26.16 5.19
N ILE B 57 0.47 25.13 5.00
CA ILE B 57 -0.94 25.29 4.65
C ILE B 57 -1.71 24.63 5.77
N LEU B 58 -2.77 25.40 6.25
CA LEU B 58 -3.41 24.98 7.50
C LEU B 58 -4.90 25.08 7.34
N TYR B 59 -5.64 24.08 7.83
CA TYR B 59 -7.12 24.11 7.83
C TYR B 59 -7.59 23.38 9.07
N ARG B 60 -8.20 24.10 10.00
CA ARG B 60 -8.60 23.51 11.31
C ARG B 60 -7.36 22.89 11.98
N ALA B 61 -6.20 23.49 11.78
CA ALA B 61 -4.94 22.80 12.12
C ALA B 61 -4.71 22.78 13.63
N ASP B 62 -5.46 23.58 14.41
CA ASP B 62 -5.34 23.58 15.88
C ASP B 62 -6.51 22.84 16.55
N GLU B 63 -7.45 22.29 15.78
CA GLU B 63 -8.53 21.51 16.38
C GLU B 63 -8.03 20.09 16.66
N ARG B 64 -8.54 19.50 17.72
CA ARG B 64 -8.27 18.08 18.06
C ARG B 64 -9.08 17.15 17.19
N PHE B 65 -8.44 16.06 16.75
CA PHE B 65 -9.07 14.96 16.02
C PHE B 65 -8.61 13.65 16.65
N PRO B 66 -9.48 12.62 16.65
CA PRO B 66 -9.09 11.27 17.03
C PRO B 66 -8.06 10.76 16.04
N MET B 67 -6.91 10.38 16.57
CA MET B 67 -5.75 9.90 15.79
C MET B 67 -6.01 8.55 15.17
N CYS B 68 -6.77 7.73 15.84
CA CYS B 68 -6.89 6.30 15.46
C CYS B 68 -5.50 5.71 15.18
N SER B 69 -5.31 4.91 14.14
CA SER B 69 -4.04 4.16 13.96
C SER B 69 -2.90 5.09 13.57
N THR B 70 -3.11 6.38 13.31
CA THR B 70 -1.97 7.26 13.07
C THR B 70 -1.15 7.40 14.37
N SER B 71 -1.71 7.03 15.53
CA SER B 71 -0.93 7.04 16.80
C SER B 71 0.15 5.94 16.78
N LYS B 72 0.07 4.96 15.88
CA LYS B 72 1.08 3.87 15.83
C LYS B 72 2.42 4.48 15.48
N VAL B 73 2.48 5.60 14.77
CA VAL B 73 3.79 6.20 14.48
C VAL B 73 4.46 6.64 15.78
N MET B 74 3.74 7.25 16.70
CA MET B 74 4.37 7.72 17.95
C MET B 74 4.82 6.51 18.76
N ALA B 75 4.04 5.46 18.80
CA ALA B 75 4.40 4.28 19.60
C ALA B 75 5.65 3.61 19.01
N ALA B 76 5.68 3.40 17.69
CA ALA B 76 6.85 2.75 17.05
C ALA B 76 8.05 3.66 17.26
N ALA B 77 7.90 4.98 17.13
CA ALA B 77 9.04 5.90 17.32
C ALA B 77 9.51 5.84 18.77
N ALA B 78 8.63 5.73 19.74
CA ALA B 78 9.00 5.66 21.16
C ALA B 78 9.87 4.40 21.36
N VAL B 79 9.52 3.27 20.76
CA VAL B 79 10.31 2.03 20.90
C VAL B 79 11.63 2.23 20.16
N LEU B 80 11.68 2.89 19.02
CA LEU B 80 12.97 3.20 18.37
C LEU B 80 13.79 4.03 19.35
N LYS B 81 13.21 5.00 20.01
CA LYS B 81 13.99 5.82 20.94
C LYS B 81 14.56 4.95 22.07
N GLN B 82 13.78 4.05 22.61
CA GLN B 82 14.28 3.14 23.67
C GLN B 82 15.45 2.37 23.12
N SER B 83 15.41 1.93 21.87
CA SER B 83 16.47 1.08 21.26
C SER B 83 17.77 1.87 21.09
N GLU B 84 17.75 3.21 21.14
CA GLU B 84 19.01 4.00 21.10
C GLU B 84 19.89 3.67 22.30
N THR B 85 19.32 3.26 23.44
CA THR B 85 20.07 2.94 24.68
C THR B 85 20.01 1.44 25.00
N GLN B 86 18.92 0.75 24.66
CA GLN B 86 18.79 -0.72 24.84
C GLN B 86 19.09 -1.29 23.45
N LYS B 87 20.35 -1.47 23.11
CA LYS B 87 20.77 -1.61 21.71
C LYS B 87 20.28 -2.91 21.05
N GLN B 88 19.86 -3.91 21.83
CA GLN B 88 19.35 -5.19 21.26
C GLN B 88 17.82 -5.25 21.38
N LEU B 89 17.15 -4.15 21.73
CA LEU B 89 15.72 -4.21 22.08
C LEU B 89 14.91 -4.64 20.84
N LEU B 90 15.19 -4.16 19.63
CA LEU B 90 14.33 -4.47 18.46
C LEU B 90 14.37 -5.97 18.18
N ASN B 91 15.35 -6.71 18.68
CA ASN B 91 15.44 -8.17 18.39
C ASN B 91 14.84 -8.96 19.54
N GLN B 92 14.26 -8.32 20.55
CA GLN B 92 13.73 -9.02 21.74
C GLN B 92 12.45 -9.75 21.33
N PRO B 93 12.34 -11.08 21.59
CA PRO B 93 11.08 -11.79 21.36
C PRO B 93 9.99 -11.43 22.36
N VAL B 94 8.78 -11.26 21.83
CA VAL B 94 7.57 -10.93 22.60
C VAL B 94 6.53 -12.01 22.32
N GLU B 95 6.03 -12.59 23.40
CA GLU B 95 5.03 -13.66 23.29
C GLU B 95 3.70 -13.13 22.77
N ILE B 96 3.14 -13.87 21.83
CA ILE B 96 1.81 -13.57 21.27
C ILE B 96 0.87 -14.67 21.73
N LYS B 97 -0.04 -14.36 22.59
CA LYS B 97 -1.01 -15.36 23.09
C LYS B 97 -2.31 -15.22 22.32
N PRO B 98 -3.09 -16.33 22.24
CA PRO B 98 -4.42 -16.23 21.67
C PRO B 98 -5.26 -15.10 22.27
N ALA B 99 -5.15 -14.90 23.60
CA ALA B 99 -5.93 -13.88 24.34
C ALA B 99 -5.51 -12.45 23.95
N ASP B 100 -4.35 -12.28 23.31
CA ASP B 100 -3.81 -10.96 22.96
C ASP B 100 -4.46 -10.47 21.67
N LEU B 101 -5.07 -11.36 20.88
CA LEU B 101 -5.65 -10.91 19.59
C LEU B 101 -6.85 -10.02 19.88
N VAL B 102 -6.91 -8.92 19.16
CA VAL B 102 -8.03 -7.95 19.23
C VAL B 102 -8.78 -8.01 17.89
N ASN B 103 -9.11 -6.89 17.27
CA ASN B 103 -10.13 -6.87 16.19
C ASN B 103 -9.51 -6.91 14.78
N TYR B 104 -8.22 -6.71 14.61
CA TYR B 104 -7.61 -6.68 13.27
C TYR B 104 -6.13 -7.01 13.48
N ASN B 105 -5.75 -8.25 13.26
CA ASN B 105 -4.41 -8.69 13.74
C ASN B 105 -3.85 -9.50 12.62
N PRO B 106 -3.65 -9.00 11.25
CA PRO B 106 -3.28 -9.77 10.06
C PRO B 106 -1.92 -10.44 10.21
N ILE B 107 -0.99 -9.87 10.97
CA ILE B 107 0.36 -10.44 11.18
C ILE B 107 0.36 -11.25 12.46
N ALA B 108 -0.11 -10.69 13.56
CA ALA B 108 -0.01 -11.37 14.86
C ALA B 108 -0.78 -12.70 14.85
N GLU B 109 -1.86 -12.82 14.10
CA GLU B 109 -2.60 -14.11 14.15
C GLU B 109 -1.73 -15.24 13.58
N LYS B 110 -0.77 -14.95 12.74
CA LYS B 110 0.10 -16.03 12.20
C LYS B 110 1.15 -16.45 13.22
N HIS B 111 1.32 -15.71 14.31
CA HIS B 111 2.41 -15.99 15.29
C HIS B 111 1.84 -16.27 16.67
N VAL B 112 0.52 -16.47 16.78
CA VAL B 112 -0.07 -16.83 18.09
C VAL B 112 0.56 -18.14 18.60
N ASN B 113 0.73 -18.22 19.90
CA ASN B 113 1.47 -19.33 20.57
C ASN B 113 2.91 -19.41 20.10
N GLY B 114 3.45 -18.30 19.63
CA GLY B 114 4.86 -18.12 19.32
C GLY B 114 5.28 -16.72 19.74
N THR B 115 6.31 -16.20 19.10
CA THR B 115 6.86 -14.86 19.41
C THR B 115 7.05 -14.09 18.13
N MET B 116 7.11 -12.76 18.31
CA MET B 116 7.55 -11.80 17.30
C MET B 116 8.54 -10.88 18.00
N THR B 117 9.51 -10.41 17.24
CA THR B 117 10.43 -9.40 17.81
C THR B 117 9.77 -8.01 17.83
N LEU B 118 10.31 -7.11 18.66
CA LEU B 118 9.77 -5.73 18.64
C LEU B 118 9.94 -5.06 17.26
N ALA B 119 10.97 -5.39 16.47
CA ALA B 119 11.05 -4.84 15.10
C ALA B 119 9.89 -5.38 14.26
N GLU B 120 9.64 -6.69 14.38
CA GLU B 120 8.55 -7.32 13.60
C GLU B 120 7.21 -6.68 14.02
N LEU B 121 7.02 -6.45 15.31
CA LEU B 121 5.77 -5.84 15.80
C LEU B 121 5.66 -4.38 15.33
N SER B 122 6.76 -3.66 15.29
CA SER B 122 6.76 -2.28 14.79
C SER B 122 6.38 -2.25 13.31
N ALA B 123 6.98 -3.12 12.52
CA ALA B 123 6.67 -3.23 11.09
C ALA B 123 5.19 -3.62 10.88
N ALA B 124 4.71 -4.57 11.69
CA ALA B 124 3.32 -5.04 11.57
C ALA B 124 2.35 -3.89 11.90
N ALA B 125 2.61 -3.18 13.00
CA ALA B 125 1.76 -2.05 13.41
C ALA B 125 1.76 -1.01 12.28
N LEU B 126 2.94 -0.62 11.80
CA LEU B 126 3.03 0.52 10.87
C LEU B 126 2.56 0.14 9.46
N GLN B 127 2.97 -1.02 8.97
CA GLN B 127 2.80 -1.29 7.52
C GLN B 127 1.53 -2.10 7.24
N TYR B 128 0.99 -2.80 8.25
CA TYR B 128 -0.21 -3.68 8.13
C TYR B 128 -1.30 -3.20 9.06
N THR B 129 -1.04 -2.14 9.81
CA THR B 129 -2.01 -1.59 10.81
C THR B 129 -2.51 -2.70 11.76
N ASP B 130 -1.61 -3.56 12.20
CA ASP B 130 -1.98 -4.68 13.10
C ASP B 130 -2.21 -4.10 14.50
N ASN B 131 -3.40 -4.36 15.06
CA ASN B 131 -3.78 -3.75 16.37
C ASN B 131 -3.14 -4.53 17.50
N THR B 132 -2.94 -5.84 17.32
CA THR B 132 -2.30 -6.69 18.37
C THR B 132 -0.85 -6.22 18.53
N ALA B 133 -0.21 -5.89 17.40
CA ALA B 133 1.18 -5.39 17.38
C ALA B 133 1.24 -4.02 18.06
N MET B 134 0.32 -3.10 17.79
CA MET B 134 0.28 -1.86 18.54
C MET B 134 0.17 -2.09 20.05
N ASN B 135 -0.65 -3.00 20.50
CA ASN B 135 -0.79 -3.22 21.95
C ASN B 135 0.52 -3.71 22.52
N LYS B 136 1.32 -4.48 21.79
CA LYS B 136 2.62 -4.92 22.34
C LYS B 136 3.54 -3.71 22.40
N LEU B 137 3.51 -2.77 21.45
CA LEU B 137 4.34 -1.56 21.55
C LEU B 137 3.91 -0.76 22.77
N ILE B 138 2.61 -0.58 22.95
CA ILE B 138 2.12 0.19 24.11
C ILE B 138 2.60 -0.48 25.41
N ALA B 139 2.51 -1.79 25.51
CA ALA B 139 2.89 -2.50 26.75
C ALA B 139 4.38 -2.35 26.95
N GLN B 140 5.20 -2.38 25.88
CA GLN B 140 6.67 -2.21 26.00
C GLN B 140 6.96 -0.85 26.62
N LEU B 141 6.13 0.14 26.35
CA LEU B 141 6.34 1.54 26.82
C LEU B 141 5.68 1.78 28.17
N GLY B 142 5.10 0.76 28.80
CA GLY B 142 4.51 0.81 30.13
C GLY B 142 3.09 1.35 30.12
N GLY B 143 2.43 1.31 28.96
CA GLY B 143 1.04 1.70 28.81
C GLY B 143 0.89 2.97 27.99
N PRO B 144 -0.35 3.37 27.70
CA PRO B 144 -0.58 4.53 26.84
C PRO B 144 0.19 5.76 27.32
N GLY B 145 0.33 5.93 28.62
CA GLY B 145 1.07 7.07 29.18
C GLY B 145 2.55 7.10 28.78
N GLY B 146 3.18 5.95 28.53
CA GLY B 146 4.55 5.89 28.03
C GLY B 146 4.62 6.45 26.64
N VAL B 147 3.58 6.29 25.83
CA VAL B 147 3.58 6.86 24.46
C VAL B 147 3.50 8.39 24.61
N THR B 148 2.62 8.87 25.46
CA THR B 148 2.48 10.32 25.71
C THR B 148 3.78 10.90 26.26
N ALA B 149 4.45 10.15 27.14
CA ALA B 149 5.70 10.62 27.75
C ALA B 149 6.75 10.83 26.64
N PHE B 150 6.81 9.96 25.65
CA PHE B 150 7.75 10.10 24.54
C PHE B 150 7.37 11.32 23.74
N ALA B 151 6.10 11.54 23.46
CA ALA B 151 5.67 12.76 22.74
C ALA B 151 6.20 13.98 23.48
N ARG B 152 6.02 14.04 24.78
CA ARG B 152 6.48 15.23 25.56
C ARG B 152 8.00 15.33 25.47
N ALA B 153 8.71 14.21 25.49
CA ALA B 153 10.19 14.25 25.46
C ALA B 153 10.69 14.84 24.13
N ILE B 154 9.96 14.74 23.04
CA ILE B 154 10.38 15.27 21.72
C ILE B 154 9.68 16.60 21.39
N GLY B 155 9.02 17.19 22.36
CA GLY B 155 8.49 18.56 22.29
C GLY B 155 7.08 18.65 21.79
N ASP B 156 6.35 17.54 21.77
CA ASP B 156 4.92 17.54 21.37
C ASP B 156 4.14 17.61 22.67
N GLU B 157 3.53 18.76 22.92
CA GLU B 157 2.75 19.01 24.14
C GLU B 157 1.25 18.81 23.93
N THR B 158 0.86 18.36 22.72
CA THR B 158 -0.55 18.26 22.30
C THR B 158 -1.00 16.79 22.30
N PHE B 159 -0.19 15.92 21.71
CA PHE B 159 -0.52 14.49 21.56
C PHE B 159 -0.92 13.90 22.91
N ARG B 160 -1.96 13.07 22.92
CA ARG B 160 -2.24 12.23 24.10
C ARG B 160 -2.73 10.86 23.67
N LEU B 161 -2.13 9.83 24.23
CA LEU B 161 -2.67 8.45 24.12
C LEU B 161 -3.20 8.07 25.50
N ASP B 162 -4.46 7.66 25.52
CA ASP B 162 -5.18 7.33 26.77
C ASP B 162 -5.56 5.87 26.83
N ARG B 163 -5.83 5.23 25.68
CA ARG B 163 -6.32 3.83 25.68
C ARG B 163 -5.44 2.93 24.80
N THR B 164 -5.74 1.65 24.89
CA THR B 164 -5.10 0.62 24.05
C THR B 164 -6.02 0.34 22.84
N GLU B 165 -5.57 -0.55 21.97
CA GLU B 165 -6.43 -1.00 20.86
C GLU B 165 -7.41 -2.04 21.40
N PRO B 166 -8.67 -2.06 20.98
CA PRO B 166 -9.19 -1.16 19.92
C PRO B 166 -9.99 0.07 20.37
N THR B 167 -10.10 0.27 21.67
CA THR B 167 -10.95 1.38 22.17
C THR B 167 -10.36 2.76 21.85
N LEU B 168 -9.07 2.87 21.57
CA LEU B 168 -8.51 4.19 21.21
C LEU B 168 -9.15 4.72 19.93
N ASN B 169 -9.90 3.91 19.18
CA ASN B 169 -10.52 4.29 17.90
C ASN B 169 -11.98 4.70 18.02
N THR B 170 -12.53 4.87 19.22
CA THR B 170 -13.98 5.20 19.30
C THR B 170 -14.33 6.51 18.59
N ALA B 171 -13.46 7.50 18.70
CA ALA B 171 -13.58 8.74 17.94
C ALA B 171 -14.89 9.46 18.29
N ILE B 172 -15.24 9.53 19.55
CA ILE B 172 -16.52 10.20 19.94
C ILE B 172 -16.29 11.72 19.80
N PRO B 173 -17.20 12.46 19.16
CA PRO B 173 -17.10 13.92 19.05
C PRO B 173 -17.05 14.57 20.44
N GLY B 174 -16.12 15.50 20.62
CA GLY B 174 -15.87 16.20 21.88
C GLY B 174 -14.91 15.45 22.81
N ASP B 175 -14.61 14.18 22.52
CA ASP B 175 -13.80 13.39 23.48
C ASP B 175 -12.34 13.70 23.23
N PRO B 176 -11.59 14.22 24.23
CA PRO B 176 -10.19 14.58 23.99
C PRO B 176 -9.26 13.33 24.03
N ARG B 177 -9.75 12.18 24.46
CA ARG B 177 -8.87 11.00 24.56
C ARG B 177 -8.32 10.59 23.20
N ASP B 178 -7.03 10.23 23.18
CA ASP B 178 -6.42 9.65 21.96
C ASP B 178 -6.56 10.65 20.79
N THR B 179 -6.30 11.92 21.06
CA THR B 179 -6.34 12.99 20.06
C THR B 179 -5.04 13.75 19.96
N THR B 180 -4.90 14.42 18.81
CA THR B 180 -3.90 15.46 18.61
C THR B 180 -4.46 16.49 17.64
N THR B 181 -3.65 17.46 17.30
CA THR B 181 -4.04 18.47 16.27
C THR B 181 -3.24 18.23 15.02
N PRO B 182 -3.75 18.61 13.84
CA PRO B 182 -2.95 18.45 12.61
C PRO B 182 -1.60 19.17 12.74
N ARG B 183 -1.60 20.40 13.25
CA ARG B 183 -0.37 21.20 13.32
C ARG B 183 0.65 20.44 14.19
N ALA B 184 0.24 19.96 15.36
CA ALA B 184 1.18 19.27 16.28
C ALA B 184 1.70 17.97 15.64
N MET B 185 0.82 17.22 14.99
CA MET B 185 1.27 15.96 14.38
C MET B 185 2.16 16.19 13.18
N ALA B 186 1.95 17.24 12.42
CA ALA B 186 2.82 17.53 11.27
C ALA B 186 4.19 17.91 11.79
N GLN B 187 4.24 18.77 12.81
CA GLN B 187 5.55 19.14 13.36
C GLN B 187 6.27 17.93 13.94
N THR B 188 5.58 17.08 14.68
CA THR B 188 6.19 15.86 15.21
C THR B 188 6.64 14.96 14.08
N LEU B 189 5.83 14.70 13.10
CA LEU B 189 6.25 13.79 12.03
C LEU B 189 7.46 14.37 11.32
N ARG B 190 7.55 15.67 11.18
CA ARG B 190 8.77 16.28 10.63
C ARG B 190 9.97 15.98 11.51
N GLN B 191 9.83 16.20 12.81
CA GLN B 191 10.98 15.97 13.71
C GLN B 191 11.40 14.51 13.68
N LEU B 192 10.45 13.54 13.58
CA LEU B 192 10.77 12.11 13.61
C LEU B 192 11.40 11.64 12.32
N THR B 193 10.96 12.14 11.16
CA THR B 193 11.34 11.57 9.85
C THR B 193 12.41 12.38 9.15
N LEU B 194 12.50 13.68 9.42
CA LEU B 194 13.42 14.60 8.71
C LEU B 194 14.34 15.34 9.69
N GLY B 195 13.97 15.45 10.95
CA GLY B 195 14.81 16.13 11.94
C GLY B 195 15.50 15.14 12.85
N HIS B 196 15.67 15.51 14.12
CA HIS B 196 16.60 14.83 15.06
C HIS B 196 15.91 14.40 16.34
N ALA B 197 14.63 14.13 16.31
CA ALA B 197 13.95 13.54 17.46
C ALA B 197 14.54 12.15 17.71
N LEU B 198 14.90 11.45 16.65
CA LEU B 198 15.55 10.11 16.74
C LEU B 198 17.01 10.18 16.31
N GLY B 199 17.76 9.16 16.74
CA GLY B 199 19.09 8.96 16.20
C GLY B 199 19.06 8.65 14.72
N GLU B 200 20.12 8.86 13.95
CA GLU B 200 20.09 8.71 12.49
C GLU B 200 19.62 7.32 12.07
N THR B 201 20.12 6.26 12.68
CA THR B 201 19.73 4.88 12.25
C THR B 201 18.24 4.66 12.52
N GLN B 202 17.74 5.21 13.61
CA GLN B 202 16.34 5.01 14.01
C GLN B 202 15.44 5.88 13.12
N ARG B 203 15.82 7.10 12.77
CA ARG B 203 15.08 7.94 11.79
C ARG B 203 15.01 7.19 10.45
N ALA B 204 16.11 6.60 10.01
CA ALA B 204 16.11 5.88 8.71
C ALA B 204 15.19 4.68 8.81
N GLN B 205 15.22 3.95 9.91
CA GLN B 205 14.37 2.77 10.09
C GLN B 205 12.88 3.19 10.07
N LEU B 206 12.53 4.29 10.73
CA LEU B 206 11.12 4.77 10.74
C LEU B 206 10.74 5.13 9.31
N VAL B 207 11.61 5.80 8.58
CA VAL B 207 11.27 6.20 7.19
C VAL B 207 11.13 4.95 6.31
N THR B 208 12.00 3.96 6.45
CA THR B 208 11.91 2.71 5.65
C THR B 208 10.54 2.10 5.96
N TRP B 209 10.13 2.05 7.19
CA TRP B 209 8.84 1.40 7.56
C TRP B 209 7.73 2.17 6.92
N LEU B 210 7.70 3.49 7.04
CA LEU B 210 6.57 4.29 6.52
C LEU B 210 6.49 4.12 4.99
N LYS B 211 7.65 4.08 4.31
CA LYS B 211 7.66 4.01 2.83
C LYS B 211 7.12 2.65 2.43
N GLY B 212 7.19 1.62 3.30
CA GLY B 212 6.69 0.27 2.99
C GLY B 212 5.27 0.07 3.44
N ASN B 213 4.58 1.13 3.85
CA ASN B 213 3.15 1.03 4.22
C ASN B 213 2.37 0.31 3.11
N THR B 214 1.50 -0.61 3.52
CA THR B 214 0.63 -1.29 2.51
C THR B 214 -0.74 -0.64 2.40
N THR B 215 -1.14 0.25 3.29
CA THR B 215 -2.54 0.67 3.43
C THR B 215 -2.83 2.05 2.83
N GLY B 216 -1.86 2.72 2.22
CA GLY B 216 -2.04 4.17 2.00
C GLY B 216 -2.41 4.61 0.59
N ALA B 217 -2.50 3.73 -0.42
CA ALA B 217 -2.57 4.24 -1.80
C ALA B 217 -3.89 4.94 -2.11
N ALA B 218 -4.94 4.80 -1.30
CA ALA B 218 -6.23 5.50 -1.55
C ALA B 218 -6.34 6.81 -0.77
N SER B 219 -5.32 7.09 -0.07
CA SER B 219 -5.44 8.23 0.89
C SER B 219 -4.55 9.41 0.47
N ILE B 220 -3.66 10.01 1.19
CA ILE B 220 -2.83 11.12 0.66
C ILE B 220 -2.25 10.75 -0.69
N ARG B 221 -1.63 9.57 -0.81
CA ARG B 221 -0.91 9.12 -2.04
C ARG B 221 -1.75 9.27 -3.32
N ALA B 222 -3.07 9.11 -3.21
CA ALA B 222 -3.99 9.15 -4.39
C ALA B 222 -4.18 10.58 -4.90
N GLY B 223 -3.86 11.59 -4.12
CA GLY B 223 -4.04 13.00 -4.49
C GLY B 223 -2.77 13.59 -5.08
N LEU B 224 -1.68 12.85 -5.14
CA LEU B 224 -0.34 13.32 -5.54
C LEU B 224 0.02 12.74 -6.90
N PRO B 225 0.87 13.43 -7.68
CA PRO B 225 1.40 12.86 -8.90
C PRO B 225 2.11 11.53 -8.64
N ALA B 226 2.01 10.62 -9.62
CA ALA B 226 2.50 9.22 -9.52
C ALA B 226 4.01 9.18 -9.27
N SER B 227 4.77 10.22 -9.65
CA SER B 227 6.25 10.24 -9.57
C SER B 227 6.72 10.57 -8.15
N TRP B 228 5.84 11.10 -7.29
CA TRP B 228 6.24 11.49 -5.91
C TRP B 228 6.35 10.24 -5.00
N VAL B 229 7.30 10.26 -4.11
CA VAL B 229 7.56 9.12 -3.17
C VAL B 229 6.92 9.46 -1.82
N VAL B 230 6.18 8.51 -1.28
CA VAL B 230 5.47 8.73 0.00
C VAL B 230 5.77 7.65 1.03
N GLY B 231 5.90 8.06 2.29
CA GLY B 231 5.73 7.14 3.40
C GLY B 231 4.62 7.67 4.26
N ASP B 232 3.75 6.82 4.70
CA ASP B 232 2.56 7.31 5.41
C ASP B 232 2.06 6.28 6.41
N LYS B 233 1.20 6.76 7.30
CA LYS B 233 0.40 5.87 8.17
C LYS B 233 -1.05 6.33 8.18
N THR B 234 -1.97 5.43 7.84
CA THR B 234 -3.41 5.70 7.81
C THR B 234 -4.02 5.45 9.19
N GLY B 235 -5.25 5.90 9.33
CA GLY B 235 -6.06 5.46 10.47
C GLY B 235 -7.54 5.55 10.16
N SER B 236 -8.28 4.71 10.86
CA SER B 236 -9.73 4.56 10.67
C SER B 236 -10.36 4.29 12.02
N GLY B 237 -11.59 4.77 12.17
CA GLY B 237 -12.27 4.51 13.44
C GLY B 237 -13.75 4.78 13.37
N GLY B 238 -14.26 4.95 14.68
CA GLY B 238 -15.69 5.24 14.73
C GLY B 238 -16.03 6.60 14.14
N TYR B 239 -17.29 6.88 13.90
CA TYR B 239 -17.70 8.17 13.32
C TYR B 239 -17.04 8.39 11.95
N GLY B 240 -16.81 7.30 11.23
CA GLY B 240 -16.27 7.43 9.86
C GLY B 240 -14.93 8.14 9.85
N THR B 241 -14.18 8.01 10.95
CA THR B 241 -12.91 8.71 11.09
C THR B 241 -11.95 8.11 10.05
N THR B 242 -11.30 8.96 9.27
CA THR B 242 -10.44 8.54 8.16
C THR B 242 -9.28 9.52 8.15
N ASN B 243 -8.09 8.98 8.43
CA ASN B 243 -6.88 9.82 8.67
C ASN B 243 -5.71 9.32 7.84
N ASP B 244 -4.74 10.19 7.64
CA ASP B 244 -3.45 9.83 7.04
C ASP B 244 -2.43 10.85 7.46
N ILE B 245 -1.24 10.39 7.77
CA ILE B 245 -0.07 11.30 8.00
C ILE B 245 1.05 10.81 7.12
N ALA B 246 1.72 11.74 6.45
CA ALA B 246 2.69 11.36 5.39
C ALA B 246 3.91 12.26 5.35
N VAL B 247 5.02 11.62 5.05
CA VAL B 247 6.23 12.32 4.60
C VAL B 247 6.31 12.10 3.10
N ILE B 248 6.52 13.18 2.36
CA ILE B 248 6.41 13.15 0.88
C ILE B 248 7.73 13.67 0.29
N TRP B 249 8.31 12.95 -0.68
CA TRP B 249 9.49 13.41 -1.43
C TRP B 249 9.02 13.67 -2.86
N PRO B 250 8.57 14.91 -3.17
CA PRO B 250 7.96 15.21 -4.46
C PRO B 250 9.07 15.07 -5.50
N LYS B 251 8.64 14.78 -6.73
CA LYS B 251 9.57 14.76 -7.87
C LYS B 251 10.34 16.08 -7.87
N ASP B 252 11.66 15.99 -7.75
CA ASP B 252 12.57 17.15 -7.89
C ASP B 252 12.28 18.28 -6.90
N ARG B 253 11.75 17.98 -5.71
CA ARG B 253 11.52 19.05 -4.70
C ARG B 253 11.91 18.54 -3.30
N ALA B 254 12.14 19.48 -2.37
CA ALA B 254 12.38 19.21 -0.93
C ALA B 254 11.13 18.55 -0.36
N PRO B 255 11.34 17.68 0.64
CA PRO B 255 10.22 16.95 1.20
C PRO B 255 9.15 17.83 1.87
N LEU B 256 7.95 17.30 1.84
CA LEU B 256 6.76 17.85 2.49
C LEU B 256 6.34 16.92 3.64
N ILE B 257 5.67 17.51 4.64
CA ILE B 257 4.91 16.72 5.65
C ILE B 257 3.45 17.09 5.49
N LEU B 258 2.57 16.09 5.45
CA LEU B 258 1.13 16.40 5.31
C LEU B 258 0.34 15.51 6.25
N VAL B 259 -0.48 16.15 7.06
CA VAL B 259 -1.47 15.48 7.91
C VAL B 259 -2.86 15.85 7.42
N THR B 260 -3.68 14.81 7.19
CA THR B 260 -5.10 14.96 6.82
C THR B 260 -5.92 14.12 7.78
N TYR B 261 -6.77 14.77 8.56
CA TYR B 261 -7.65 14.12 9.53
C TYR B 261 -9.09 14.42 9.12
N PHE B 262 -9.94 13.43 9.26
CA PHE B 262 -11.36 13.59 8.81
C PHE B 262 -12.24 12.80 9.74
N THR B 263 -13.36 13.39 10.16
CA THR B 263 -14.32 12.63 11.01
C THR B 263 -15.73 13.14 10.68
N GLN B 264 -16.74 12.35 11.05
CA GLN B 264 -18.12 12.54 10.53
C GLN B 264 -19.08 12.54 11.72
N PRO B 265 -20.30 13.07 11.53
CA PRO B 265 -21.27 13.15 12.61
C PRO B 265 -21.99 11.84 12.96
N GLN B 266 -22.09 10.84 12.08
CA GLN B 266 -22.85 9.60 12.33
C GLN B 266 -21.91 8.55 12.90
N PRO B 267 -22.29 7.86 14.00
CA PRO B 267 -21.41 6.88 14.63
C PRO B 267 -20.89 5.82 13.66
N LYS B 268 -21.73 5.41 12.70
CA LYS B 268 -21.44 4.25 11.81
C LYS B 268 -21.12 4.72 10.39
N ALA B 269 -20.69 5.97 10.23
CA ALA B 269 -20.37 6.55 8.91
C ALA B 269 -19.29 5.68 8.25
N GLU B 270 -19.34 5.62 6.93
CA GLU B 270 -18.34 4.85 6.16
C GLU B 270 -17.02 5.62 6.06
N SER B 271 -15.95 4.88 5.85
CA SER B 271 -14.62 5.49 5.61
C SER B 271 -14.68 6.40 4.37
N ARG B 272 -13.86 7.44 4.36
CA ARG B 272 -13.80 8.40 3.25
C ARG B 272 -12.35 8.73 2.88
N ARG B 273 -11.61 7.76 2.39
CA ARG B 273 -10.21 7.94 1.98
C ARG B 273 -10.11 8.92 0.82
N ASP B 274 -11.14 9.00 -0.01
CA ASP B 274 -11.16 9.96 -1.15
C ASP B 274 -11.10 11.42 -0.67
N VAL B 275 -11.62 11.71 0.52
CA VAL B 275 -11.56 13.10 1.07
C VAL B 275 -10.11 13.45 1.36
N LEU B 276 -9.31 12.47 1.84
CA LEU B 276 -7.88 12.75 2.15
C LEU B 276 -7.14 12.95 0.84
N ALA B 277 -7.41 12.11 -0.15
CA ALA B 277 -6.76 12.26 -1.46
C ALA B 277 -7.11 13.62 -2.05
N SER B 278 -8.37 14.04 -1.95
CA SER B 278 -8.83 15.36 -2.44
C SER B 278 -8.08 16.50 -1.74
N ALA B 279 -7.97 16.42 -0.41
CA ALA B 279 -7.25 17.43 0.38
C ALA B 279 -5.78 17.51 -0.03
N ALA B 280 -5.16 16.36 -0.25
CA ALA B 280 -3.73 16.35 -0.67
C ALA B 280 -3.55 17.02 -2.04
N LYS B 281 -4.46 16.72 -2.96
CA LYS B 281 -4.36 17.33 -4.31
C LYS B 281 -4.52 18.84 -4.15
N ILE B 282 -5.48 19.30 -3.37
CA ILE B 282 -5.72 20.78 -3.23
C ILE B 282 -4.46 21.45 -2.69
N VAL B 283 -3.84 20.89 -1.64
CA VAL B 283 -2.74 21.65 -0.97
C VAL B 283 -1.42 21.48 -1.71
N THR B 284 -1.32 20.59 -2.70
CA THR B 284 -0.04 20.43 -3.42
C THR B 284 -0.14 20.96 -4.87
N ASP B 285 -1.32 21.33 -5.34
CA ASP B 285 -1.50 21.72 -6.76
C ASP B 285 -0.70 22.98 -7.11
N GLY B 286 -0.56 23.93 -6.19
CA GLY B 286 0.01 25.28 -6.45
C GLY B 286 1.50 25.34 -6.14
CAG ISS C . 2.98 -0.45 -13.79
OAH ISS C . 2.08 -0.56 -14.49
CAI ISS C . 3.92 0.72 -13.93
CAJ ISS C . 4.45 1.10 -12.78
NAK ISS C . 5.36 2.19 -12.67
CAL ISS C . 5.20 3.31 -13.62
CAM ISS C . 4.38 4.45 -13.06
OAN ISS C . 3.93 4.39 -11.96
CAO ISS C . 4.17 5.67 -13.97
CAP ISS C . 3.62 6.85 -13.17
OAQ ISS C . 3.80 8.01 -13.94
CAG ISS D . -6.12 2.12 12.62
OAH ISS D . -6.80 3.10 12.68
CAI ISS D . -6.83 0.77 12.84
CAJ ISS D . -6.32 -0.34 12.33
NAK ISS D . -7.01 -1.58 12.50
CAL ISS D . -8.46 -1.68 12.28
CAM ISS D . -8.71 -1.91 10.79
OAN ISS D . -8.19 -1.18 10.02
CAO ISS D . -9.57 -3.06 10.23
CAP ISS D . -10.78 -3.41 11.10
OAQ ISS D . -11.31 -4.66 10.66
#